data_7Q9S
#
_entry.id   7Q9S
#
_cell.length_a   77.104
_cell.length_b   81.123
_cell.length_c   118.514
_cell.angle_alpha   90.000
_cell.angle_beta   90.000
_cell.angle_gamma   90.000
#
_symmetry.space_group_name_H-M   'C 2 2 21'
#
loop_
_entity.id
_entity.type
_entity.pdbx_description
1 polymer "Retinal rod rhodopsin-sensitive cGMP 3',5'-cyclic phosphodiesterase subunit delta"
2 polymer KRas
3 non-polymer 2-methyl-3-(1~{H}-pyrazol-5-yl)imidazo[1,2-a]pyridine
4 non-polymer 'SULFATE ION'
5 non-polymer 1,2-ETHANEDIOL
6 non-polymer 'DIMETHYL SULFOXIDE'
7 non-polymer FARNESYL
8 water water
#
loop_
_entity_poly.entity_id
_entity_poly.type
_entity_poly.pdbx_seq_one_letter_code
_entity_poly.pdbx_strand_id
1 'polypeptide(L)'
;MSAKDERAREILRGFKLNWMNLRDAETGKILWQGTEDLSVPGVEHEARVPKKILKCKAVSRELNFSSTEQMEKFRLEQKV
YFKGQCLEEWFFEFGFVIPNSTNTWQSLIEAAPESQMMPASVLTGNVIIETKFFDDDLLVSTSRVRLFYV
;
BBB,AAA
2 'polypeptide(L)' DGKKKKKKSKTK(CMT) CCC,DDD
#
# COMPACT_ATOMS: atom_id res chain seq x y z
N SER A 2 -4.22 -12.09 15.11
CA SER A 2 -2.85 -11.65 14.71
C SER A 2 -2.80 -11.33 13.22
N ALA A 3 -3.79 -11.75 12.43
CA ALA A 3 -3.80 -11.60 10.95
C ALA A 3 -3.49 -10.15 10.59
N LYS A 4 -4.33 -9.21 11.03
CA LYS A 4 -4.12 -7.76 10.81
C LYS A 4 -2.90 -7.30 11.61
N ASP A 5 -2.66 -7.90 12.78
CA ASP A 5 -1.53 -7.50 13.66
C ASP A 5 -0.21 -7.94 13.01
N GLU A 6 -0.17 -9.11 12.37
CA GLU A 6 1.07 -9.61 11.73
C GLU A 6 1.42 -8.68 10.55
N ARG A 7 0.41 -8.25 9.80
N ARG A 7 0.40 -8.25 9.79
CA ARG A 7 0.58 -7.34 8.65
CA ARG A 7 0.57 -7.33 8.64
C ARG A 7 1.07 -5.97 9.13
C ARG A 7 1.07 -5.97 9.13
N ALA A 8 0.49 -5.45 10.22
CA ALA A 8 0.90 -4.14 10.80
C ALA A 8 2.37 -4.22 11.18
N ARG A 9 2.76 -5.33 11.82
CA ARG A 9 4.16 -5.59 12.26
C ARG A 9 5.08 -5.64 11.03
N GLU A 10 4.66 -6.35 9.98
N GLU A 10 4.66 -6.34 9.98
CA GLU A 10 5.44 -6.46 8.72
CA GLU A 10 5.44 -6.45 8.72
C GLU A 10 5.65 -5.05 8.14
C GLU A 10 5.65 -5.05 8.14
N ILE A 11 4.59 -4.24 8.08
CA ILE A 11 4.68 -2.87 7.50
C ILE A 11 5.68 -2.07 8.36
N LEU A 12 5.49 -2.09 9.68
CA LEU A 12 6.34 -1.29 10.61
C LEU A 12 7.80 -1.71 10.42
N ARG A 13 8.10 -3.01 10.50
CA ARG A 13 9.49 -3.54 10.40
C ARG A 13 10.14 -3.04 9.10
N GLY A 14 9.36 -2.82 8.05
CA GLY A 14 9.87 -2.40 6.72
C GLY A 14 9.79 -0.90 6.49
N PHE A 15 9.34 -0.14 7.49
CA PHE A 15 9.05 1.31 7.35
C PHE A 15 10.13 2.11 8.07
N LYS A 16 10.55 3.19 7.44
CA LYS A 16 11.64 4.05 7.98
C LYS A 16 11.38 5.50 7.54
N LEU A 17 11.43 6.42 8.50
N LEU A 17 11.46 6.43 8.49
CA LEU A 17 11.59 7.86 8.20
CA LEU A 17 11.55 7.88 8.17
C LEU A 17 13.06 8.12 7.92
C LEU A 17 13.02 8.23 7.95
N ASN A 18 13.40 8.59 6.72
CA ASN A 18 14.81 8.86 6.35
C ASN A 18 15.22 10.25 6.85
N TRP A 19 14.40 11.26 6.52
CA TRP A 19 14.65 12.66 6.92
C TRP A 19 13.32 13.41 7.03
N MET A 20 13.32 14.47 7.82
CA MET A 20 12.11 15.32 7.95
C MET A 20 12.61 16.75 8.17
N ASN A 21 11.86 17.72 7.63
CA ASN A 21 12.21 19.16 7.71
C ASN A 21 10.97 19.94 8.15
N LEU A 22 11.19 21.03 8.88
CA LEU A 22 10.17 22.09 9.00
C LEU A 22 10.75 23.36 8.37
N ARG A 23 10.02 23.95 7.42
CA ARG A 23 10.51 25.11 6.65
C ARG A 23 9.53 26.27 6.85
N ASP A 24 10.05 27.46 7.14
CA ASP A 24 9.29 28.72 7.08
C ASP A 24 8.79 28.89 5.64
N ALA A 25 7.49 28.89 5.41
CA ALA A 25 6.94 28.92 4.03
C ALA A 25 7.09 30.32 3.44
N GLU A 26 7.31 31.34 4.27
CA GLU A 26 7.44 32.75 3.81
C GLU A 26 8.88 33.03 3.38
N THR A 27 9.87 32.52 4.11
CA THR A 27 11.30 32.80 3.80
C THR A 27 11.92 31.67 2.99
N GLY A 28 11.32 30.48 3.04
CA GLY A 28 11.92 29.26 2.45
C GLY A 28 12.99 28.64 3.35
N LYS A 29 13.28 29.24 4.50
CA LYS A 29 14.42 28.78 5.36
C LYS A 29 13.99 27.54 6.16
N ILE A 30 14.84 26.51 6.15
CA ILE A 30 14.67 25.34 7.06
C ILE A 30 14.89 25.83 8.50
N LEU A 31 13.90 25.56 9.36
CA LEU A 31 13.93 25.91 10.80
C LEU A 31 14.43 24.73 11.63
N TRP A 32 14.18 23.53 11.12
CA TRP A 32 14.38 22.28 11.92
C TRP A 32 14.52 21.12 10.95
N GLN A 33 15.44 20.22 11.29
CA GLN A 33 15.72 19.03 10.45
C GLN A 33 16.01 17.86 11.37
N GLY A 34 15.39 16.71 11.09
CA GLY A 34 15.67 15.47 11.83
C GLY A 34 16.02 14.33 10.90
N THR A 35 16.83 13.40 11.39
CA THR A 35 17.18 12.16 10.65
C THR A 35 16.80 10.93 11.49
N GLU A 36 16.30 11.16 12.71
CA GLU A 36 15.86 10.07 13.62
C GLU A 36 14.49 9.56 13.17
N ASP A 37 14.29 8.24 13.21
CA ASP A 37 13.01 7.61 12.79
C ASP A 37 11.99 7.79 13.93
N LEU A 38 11.24 8.89 13.89
CA LEU A 38 10.23 9.21 14.95
C LEU A 38 8.93 8.47 14.66
N SER A 39 8.92 7.53 13.72
CA SER A 39 7.80 6.56 13.58
C SER A 39 7.96 5.47 14.64
N VAL A 40 9.12 5.40 15.29
CA VAL A 40 9.44 4.26 16.20
C VAL A 40 8.58 4.38 17.44
N PRO A 41 7.69 3.40 17.71
CA PRO A 41 6.85 3.46 18.90
C PRO A 41 7.62 3.07 20.18
N GLY A 42 6.96 3.23 21.34
CA GLY A 42 7.46 2.71 22.62
C GLY A 42 8.66 3.49 23.15
N VAL A 43 8.88 4.72 22.68
CA VAL A 43 9.92 5.63 23.26
C VAL A 43 9.39 7.06 23.14
N GLU A 44 9.60 7.86 24.18
CA GLU A 44 9.23 9.28 24.07
C GLU A 44 10.41 10.01 23.43
N HIS A 45 10.31 10.22 22.12
CA HIS A 45 11.25 11.06 21.35
C HIS A 45 11.18 12.48 21.89
N GLU A 46 12.26 13.23 21.70
CA GLU A 46 12.31 14.66 22.05
C GLU A 46 12.75 15.43 20.81
N ALA A 47 12.20 16.63 20.63
CA ALA A 47 12.58 17.53 19.53
C ALA A 47 12.69 18.94 20.10
N ARG A 48 13.75 19.64 19.71
CA ARG A 48 13.92 21.06 20.05
C ARG A 48 13.69 21.85 18.76
N VAL A 49 12.76 22.81 18.78
CA VAL A 49 12.52 23.63 17.56
C VAL A 49 12.73 25.07 17.98
N PRO A 50 13.29 25.91 17.08
CA PRO A 50 13.52 27.32 17.41
C PRO A 50 12.17 28.01 17.61
N LYS A 51 12.08 28.83 18.67
CA LYS A 51 10.78 29.40 19.09
C LYS A 51 10.24 30.35 18.00
N LYS A 52 11.09 30.83 17.09
CA LYS A 52 10.61 31.72 16.00
C LYS A 52 9.61 30.98 15.10
N ILE A 53 9.51 29.65 15.20
CA ILE A 53 8.51 28.90 14.38
C ILE A 53 7.10 29.40 14.76
N LEU A 54 6.93 29.91 15.97
CA LEU A 54 5.61 30.40 16.44
C LEU A 54 5.19 31.68 15.70
N LYS A 55 6.12 32.34 15.01
CA LYS A 55 5.83 33.61 14.29
C LYS A 55 5.63 33.35 12.79
N CYS A 56 5.79 32.11 12.34
CA CYS A 56 5.60 31.73 10.92
C CYS A 56 4.10 31.76 10.57
N LYS A 57 3.76 32.39 9.45
CA LYS A 57 2.37 32.34 8.92
C LYS A 57 2.04 30.90 8.54
N ALA A 58 3.00 30.20 7.93
CA ALA A 58 2.81 28.80 7.50
C ALA A 58 4.15 28.09 7.53
N VAL A 59 4.09 26.78 7.80
CA VAL A 59 5.31 25.93 7.86
C VAL A 59 5.14 24.80 6.84
N SER A 60 6.10 24.65 5.94
CA SER A 60 6.12 23.50 5.01
C SER A 60 6.78 22.34 5.75
N ARG A 61 6.04 21.26 5.99
N ARG A 61 6.03 21.27 6.01
CA ARG A 61 6.58 20.02 6.58
CA ARG A 61 6.56 20.00 6.58
C ARG A 61 6.89 19.02 5.47
C ARG A 61 6.92 19.04 5.43
N GLU A 62 8.08 18.43 5.55
N GLU A 62 8.14 18.52 5.46
N GLU A 62 8.20 18.67 5.44
CA GLU A 62 8.65 17.62 4.45
CA GLU A 62 8.67 17.61 4.41
CA GLU A 62 8.53 17.59 4.47
C GLU A 62 9.21 16.33 5.06
C GLU A 62 9.16 16.34 5.10
C GLU A 62 9.03 16.36 5.23
N LEU A 63 8.60 15.18 4.75
CA LEU A 63 9.03 13.88 5.32
C LEU A 63 9.48 13.02 4.13
N ASN A 64 10.59 12.32 4.29
CA ASN A 64 11.05 11.35 3.27
C ASN A 64 11.04 9.98 3.94
N PHE A 65 10.29 9.04 3.38
CA PHE A 65 10.12 7.73 4.05
C PHE A 65 10.32 6.62 3.01
N SER A 66 10.77 5.48 3.52
CA SER A 66 10.93 4.24 2.73
C SER A 66 9.97 3.20 3.31
N SER A 67 9.41 2.36 2.43
CA SER A 67 8.49 1.27 2.85
C SER A 67 8.76 0.06 1.97
N THR A 68 9.22 -1.04 2.59
CA THR A 68 9.36 -2.34 1.86
C THR A 68 7.95 -2.79 1.48
N GLU A 69 6.99 -2.65 2.40
CA GLU A 69 5.61 -3.17 2.23
C GLU A 69 4.79 -2.17 1.41
N GLN A 70 3.93 -2.69 0.54
CA GLN A 70 2.94 -1.85 -0.17
C GLN A 70 1.95 -1.31 0.86
N MET A 71 1.51 -0.06 0.71
CA MET A 71 0.35 0.43 1.48
C MET A 71 -0.67 1.01 0.50
N GLU A 72 -1.94 0.65 0.71
CA GLU A 72 -3.06 1.04 -0.17
C GLU A 72 -3.35 2.52 0.06
N LYS A 73 -3.41 2.94 1.33
CA LYS A 73 -3.85 4.30 1.68
C LYS A 73 -3.09 4.74 2.94
N PHE A 74 -1.81 5.03 2.75
CA PHE A 74 -0.92 5.51 3.85
C PHE A 74 -1.41 6.88 4.30
N ARG A 75 -1.61 7.04 5.61
CA ARG A 75 -2.09 8.31 6.19
C ARG A 75 -1.57 8.46 7.62
N LEU A 76 -1.64 9.69 8.13
CA LEU A 76 -1.25 10.00 9.53
C LEU A 76 -2.42 10.69 10.22
N GLU A 77 -2.63 10.36 11.49
CA GLU A 77 -3.42 11.23 12.39
C GLU A 77 -2.47 11.79 13.45
N GLN A 78 -2.49 13.10 13.66
CA GLN A 78 -1.58 13.69 14.65
C GLN A 78 -2.39 14.47 15.67
N LYS A 79 -2.24 14.10 16.94
CA LYS A 79 -2.86 14.85 18.06
C LYS A 79 -1.77 15.66 18.74
N VAL A 80 -2.06 16.93 19.01
CA VAL A 80 -1.13 17.80 19.77
C VAL A 80 -1.69 17.87 21.19
N TYR A 81 -0.97 17.29 22.14
CA TYR A 81 -1.36 17.24 23.58
C TYR A 81 -0.58 18.31 24.34
N PHE A 82 -1.29 19.03 25.21
CA PHE A 82 -0.62 20.04 26.06
C PHE A 82 -0.90 19.66 27.52
N LYS A 83 0.16 19.34 28.25
CA LYS A 83 0.04 18.78 29.61
C LYS A 83 -1.07 17.72 29.61
N GLY A 84 -1.10 16.86 28.60
CA GLY A 84 -2.05 15.73 28.57
C GLY A 84 -3.42 16.10 28.03
N GLN A 85 -3.64 17.31 27.52
CA GLN A 85 -4.96 17.67 26.93
C GLN A 85 -4.84 17.99 25.45
N CYS A 86 -5.70 17.35 24.65
CA CYS A 86 -5.73 17.53 23.18
C CYS A 86 -6.06 18.98 22.82
N LEU A 87 -5.15 19.68 22.13
CA LEU A 87 -5.36 21.06 21.65
C LEU A 87 -5.82 21.05 20.18
N GLU A 88 -5.21 20.24 19.33
CA GLU A 88 -5.56 20.13 17.88
C GLU A 88 -5.37 18.68 17.43
N GLU A 89 -6.18 18.24 16.46
CA GLU A 89 -5.97 16.93 15.77
C GLU A 89 -5.92 17.20 14.27
N TRP A 90 -4.89 16.65 13.62
CA TRP A 90 -4.65 16.83 12.17
C TRP A 90 -4.71 15.46 11.49
N PHE A 91 -5.15 15.49 10.22
CA PHE A 91 -5.18 14.29 9.36
C PHE A 91 -4.45 14.61 8.06
N PHE A 92 -3.52 13.73 7.69
CA PHE A 92 -2.71 13.88 6.46
C PHE A 92 -2.81 12.57 5.69
N GLU A 93 -3.12 12.66 4.40
CA GLU A 93 -3.23 11.44 3.56
C GLU A 93 -2.10 11.45 2.53
N PHE A 94 -1.35 10.36 2.43
CA PHE A 94 -0.35 10.21 1.34
C PHE A 94 -0.95 9.42 0.18
N GLY A 95 -1.65 8.34 0.50
CA GLY A 95 -2.29 7.47 -0.50
C GLY A 95 -1.44 6.25 -0.79
N PHE A 96 -1.44 5.79 -2.04
CA PHE A 96 -0.84 4.49 -2.41
C PHE A 96 0.68 4.59 -2.24
N VAL A 97 1.27 3.57 -1.63
CA VAL A 97 2.75 3.47 -1.50
C VAL A 97 3.21 2.22 -2.24
N ILE A 98 4.03 2.42 -3.27
CA ILE A 98 4.61 1.29 -4.06
C ILE A 98 5.55 0.52 -3.15
N PRO A 99 5.53 -0.82 -3.19
CA PRO A 99 6.38 -1.61 -2.30
C PRO A 99 7.86 -1.28 -2.61
N ASN A 100 8.67 -1.19 -1.54
CA ASN A 100 10.12 -0.91 -1.64
C ASN A 100 10.36 0.41 -2.36
N SER A 101 9.52 1.42 -2.08
CA SER A 101 9.71 2.77 -2.64
C SER A 101 10.28 3.69 -1.56
N THR A 102 10.94 4.75 -2.00
CA THR A 102 11.26 5.93 -1.16
C THR A 102 10.41 7.08 -1.67
N ASN A 103 9.87 7.86 -0.75
CA ASN A 103 8.81 8.85 -1.06
C ASN A 103 9.08 10.13 -0.27
N THR A 104 8.86 11.28 -0.91
CA THR A 104 8.86 12.58 -0.22
C THR A 104 7.40 13.04 -0.14
N TRP A 105 7.02 13.46 1.05
CA TRP A 105 5.63 13.86 1.38
C TRP A 105 5.70 15.28 1.96
N GLN A 106 5.13 16.24 1.24
CA GLN A 106 5.14 17.65 1.70
C GLN A 106 3.72 18.05 2.07
N SER A 107 3.58 18.81 3.16
N SER A 107 3.59 18.82 3.16
CA SER A 107 2.27 19.38 3.58
CA SER A 107 2.30 19.35 3.67
C SER A 107 2.49 20.79 4.14
C SER A 107 2.50 20.79 4.15
N LEU A 108 1.60 21.70 3.80
CA LEU A 108 1.69 23.12 4.27
C LEU A 108 0.74 23.28 5.45
N ILE A 109 1.29 23.64 6.61
CA ILE A 109 0.54 23.74 7.89
C ILE A 109 0.43 25.23 8.24
N GLU A 110 -0.79 25.75 8.20
CA GLU A 110 -1.03 27.20 8.37
C GLU A 110 -1.14 27.51 9.87
N ALA A 111 -0.55 28.63 10.29
CA ALA A 111 -0.63 29.11 11.69
C ALA A 111 -1.99 29.75 11.92
N ALA A 112 -2.55 29.49 13.10
CA ALA A 112 -3.71 30.24 13.66
C ALA A 112 -3.36 31.72 13.71
N PRO A 113 -4.37 32.62 13.75
CA PRO A 113 -4.11 34.05 13.86
C PRO A 113 -3.15 34.27 15.04
N GLU A 114 -2.29 35.28 14.92
CA GLU A 114 -1.22 35.56 15.92
C GLU A 114 -1.83 35.59 17.31
N SER A 115 -3.04 36.14 17.45
CA SER A 115 -3.66 36.41 18.78
C SER A 115 -4.01 35.08 19.46
N GLN A 116 -4.00 33.99 18.71
CA GLN A 116 -4.35 32.66 19.26
C GLN A 116 -3.09 31.84 19.51
N MET A 117 -1.94 32.26 18.98
CA MET A 117 -0.72 31.43 19.10
C MET A 117 -0.27 31.40 20.56
N MET A 118 0.09 30.22 21.04
CA MET A 118 0.57 30.06 22.44
C MET A 118 2.00 30.57 22.54
N PRO A 119 2.34 31.21 23.68
CA PRO A 119 3.72 31.62 23.95
C PRO A 119 4.67 30.43 24.11
N ALA A 120 5.91 30.56 23.65
CA ALA A 120 6.97 29.54 23.77
C ALA A 120 7.14 29.14 25.24
N SER A 121 7.10 30.11 26.16
CA SER A 121 7.40 29.85 27.59
C SER A 121 6.28 29.00 28.21
N VAL A 122 5.07 29.08 27.68
CA VAL A 122 3.93 28.25 28.15
C VAL A 122 4.04 26.87 27.49
N LEU A 123 4.42 26.83 26.21
CA LEU A 123 4.42 25.58 25.41
C LEU A 123 5.56 24.66 25.82
N THR A 124 6.74 25.23 26.04
CA THR A 124 7.99 24.44 25.91
C THR A 124 8.00 23.32 26.96
N GLY A 125 8.29 22.09 26.50
CA GLY A 125 8.37 20.90 27.37
C GLY A 125 7.01 20.30 27.65
N ASN A 126 5.91 20.99 27.33
CA ASN A 126 4.56 20.62 27.79
C ASN A 126 3.76 20.02 26.64
N VAL A 127 4.34 20.02 25.44
CA VAL A 127 3.61 19.56 24.22
C VAL A 127 4.10 18.17 23.86
N ILE A 128 3.14 17.26 23.67
CA ILE A 128 3.42 15.94 23.04
C ILE A 128 2.67 15.89 21.72
N ILE A 129 3.39 15.55 20.65
CA ILE A 129 2.71 15.21 19.38
C ILE A 129 2.61 13.69 19.30
N GLU A 130 1.38 13.20 19.23
CA GLU A 130 1.13 11.76 19.07
C GLU A 130 0.76 11.53 17.60
N THR A 131 1.57 10.71 16.91
CA THR A 131 1.37 10.40 15.48
C THR A 131 0.97 8.93 15.35
N LYS A 132 -0.19 8.70 14.76
CA LYS A 132 -0.64 7.32 14.42
C LYS A 132 -0.43 7.16 12.91
N PHE A 133 0.35 6.15 12.53
CA PHE A 133 0.60 5.80 11.11
C PHE A 133 -0.36 4.66 10.76
N PHE A 134 -1.14 4.85 9.70
CA PHE A 134 -2.14 3.86 9.24
C PHE A 134 -1.87 3.50 7.78
N ASP A 135 -2.22 2.25 7.43
CA ASP A 135 -2.63 1.93 6.05
C ASP A 135 -4.16 1.78 6.07
N ASP A 136 -4.87 2.78 5.54
CA ASP A 136 -6.35 2.79 5.55
C ASP A 136 -6.80 2.73 7.02
N ASP A 137 -7.47 1.63 7.39
N ASP A 137 -7.49 1.66 7.43
CA ASP A 137 -8.04 1.39 8.75
CA ASP A 137 -7.97 1.55 8.84
C ASP A 137 -6.99 0.78 9.69
C ASP A 137 -7.08 0.58 9.64
N LEU A 138 -5.89 0.27 9.15
CA LEU A 138 -4.92 -0.56 9.90
C LEU A 138 -3.92 0.35 10.60
N LEU A 139 -3.94 0.35 11.94
CA LEU A 139 -2.96 1.10 12.75
C LEU A 139 -1.62 0.37 12.68
N VAL A 140 -0.60 1.04 12.15
CA VAL A 140 0.73 0.39 11.95
C VAL A 140 1.63 0.72 13.14
N SER A 141 1.60 1.97 13.58
CA SER A 141 2.52 2.47 14.63
C SER A 141 1.90 3.71 15.27
N THR A 142 2.16 3.87 16.57
CA THR A 142 1.90 5.14 17.28
C THR A 142 3.20 5.58 17.93
N SER A 143 3.61 6.81 17.66
CA SER A 143 4.86 7.38 18.20
C SER A 143 4.52 8.69 18.91
N ARG A 144 5.39 9.07 19.85
CA ARG A 144 5.18 10.29 20.67
C ARG A 144 6.46 11.11 20.65
N VAL A 145 6.33 12.42 20.47
CA VAL A 145 7.49 13.34 20.52
C VAL A 145 7.16 14.51 21.46
N ARG A 146 8.01 14.73 22.44
CA ARG A 146 7.88 15.90 23.34
C ARG A 146 8.64 17.07 22.74
N LEU A 147 7.97 18.21 22.65
CA LEU A 147 8.52 19.39 21.93
C LEU A 147 9.04 20.44 22.91
N PHE A 148 10.25 20.92 22.63
CA PHE A 148 10.87 22.06 23.37
C PHE A 148 10.98 23.21 22.37
N TYR A 149 10.62 24.42 22.78
CA TYR A 149 10.76 25.63 21.94
C TYR A 149 11.93 26.45 22.48
N VAL A 150 13.00 26.56 21.71
CA VAL A 150 14.31 27.05 22.22
C VAL A 150 14.75 28.31 21.45
N MET B 1 -22.83 -32.29 -1.17
CA MET B 1 -22.03 -33.45 -0.68
C MET B 1 -21.59 -34.31 -1.85
N SER B 2 -21.85 -33.87 -3.09
CA SER B 2 -21.48 -34.58 -4.35
C SER B 2 -19.96 -34.76 -4.39
N ALA B 3 -19.49 -35.83 -5.03
CA ALA B 3 -18.04 -36.16 -5.15
C ALA B 3 -17.29 -34.94 -5.70
N LYS B 4 -17.67 -34.50 -6.90
CA LYS B 4 -16.99 -33.41 -7.65
C LYS B 4 -17.04 -32.11 -6.84
N ASP B 5 -18.19 -31.79 -6.23
CA ASP B 5 -18.34 -30.46 -5.57
C ASP B 5 -17.73 -30.54 -4.17
N GLU B 6 -17.72 -31.71 -3.53
CA GLU B 6 -17.02 -31.87 -2.24
C GLU B 6 -15.53 -31.66 -2.47
N ARG B 7 -14.98 -32.22 -3.56
N ARG B 7 -15.00 -32.20 -3.58
CA ARG B 7 -13.51 -32.16 -3.78
CA ARG B 7 -13.52 -32.17 -3.80
C ARG B 7 -13.12 -30.72 -4.15
C ARG B 7 -13.11 -30.75 -4.18
N ALA B 8 -13.90 -30.07 -5.02
CA ALA B 8 -13.64 -28.66 -5.38
C ALA B 8 -13.66 -27.83 -4.08
N ARG B 9 -14.60 -28.12 -3.18
CA ARG B 9 -14.73 -27.38 -1.90
C ARG B 9 -13.52 -27.66 -1.00
N GLU B 10 -13.09 -28.92 -0.93
CA GLU B 10 -11.91 -29.36 -0.16
C GLU B 10 -10.66 -28.63 -0.67
N ILE B 11 -10.46 -28.62 -1.99
CA ILE B 11 -9.27 -27.95 -2.57
C ILE B 11 -9.33 -26.46 -2.18
N LEU B 12 -10.48 -25.82 -2.39
CA LEU B 12 -10.60 -24.36 -2.13
C LEU B 12 -10.33 -24.10 -0.64
N ARG B 13 -10.91 -24.89 0.26
CA ARG B 13 -10.72 -24.69 1.72
C ARG B 13 -9.22 -24.74 2.05
N GLY B 14 -8.46 -25.56 1.32
CA GLY B 14 -7.03 -25.80 1.60
C GLY B 14 -6.11 -24.91 0.80
N PHE B 15 -6.68 -24.02 -0.02
CA PHE B 15 -5.91 -23.24 -1.02
C PHE B 15 -5.80 -21.78 -0.57
N LYS B 16 -4.61 -21.20 -0.72
CA LYS B 16 -4.47 -19.76 -0.43
C LYS B 16 -3.35 -19.15 -1.27
N LEU B 17 -3.63 -17.96 -1.80
CA LEU B 17 -2.57 -17.11 -2.39
C LEU B 17 -1.94 -16.34 -1.23
N ASN B 18 -0.63 -16.54 -1.07
CA ASN B 18 0.18 -15.94 0.03
C ASN B 18 0.63 -14.53 -0.39
N TRP B 19 1.26 -14.44 -1.56
CA TRP B 19 1.68 -13.12 -2.09
C TRP B 19 1.67 -13.19 -3.61
N MET B 20 1.59 -12.01 -4.22
CA MET B 20 1.52 -11.86 -5.67
C MET B 20 2.23 -10.57 -6.02
N ASN B 21 3.12 -10.62 -6.99
CA ASN B 21 3.85 -9.41 -7.44
C ASN B 21 3.55 -9.16 -8.92
N LEU B 22 3.48 -7.88 -9.27
CA LEU B 22 3.63 -7.41 -10.66
C LEU B 22 4.93 -6.61 -10.71
N ARG B 23 5.91 -7.13 -11.45
CA ARG B 23 7.28 -6.55 -11.49
C ARG B 23 7.58 -6.06 -12.90
N ASP B 24 8.08 -4.83 -12.98
CA ASP B 24 8.61 -4.25 -14.25
C ASP B 24 9.83 -5.07 -14.65
N ALA B 25 9.79 -5.75 -15.80
CA ALA B 25 10.91 -6.64 -16.19
C ALA B 25 12.09 -5.82 -16.71
N GLU B 26 11.91 -4.52 -16.99
N GLU B 26 11.88 -4.52 -16.99
CA GLU B 26 13.01 -3.70 -17.54
CA GLU B 26 12.94 -3.63 -17.53
C GLU B 26 13.81 -3.04 -16.41
C GLU B 26 13.80 -3.09 -16.39
N THR B 27 13.16 -2.70 -15.29
CA THR B 27 13.84 -2.10 -14.10
C THR B 27 14.08 -3.12 -12.99
N GLY B 28 13.36 -4.25 -13.00
CA GLY B 28 13.46 -5.24 -11.93
C GLY B 28 12.62 -4.86 -10.71
N LYS B 29 12.00 -3.68 -10.72
CA LYS B 29 11.30 -3.12 -9.54
C LYS B 29 9.86 -3.63 -9.48
N ILE B 30 9.41 -4.06 -8.29
CA ILE B 30 7.99 -4.46 -8.09
C ILE B 30 7.13 -3.19 -8.17
N LEU B 31 6.05 -3.25 -8.97
CA LEU B 31 5.09 -2.13 -9.11
C LEU B 31 3.93 -2.34 -8.15
N TRP B 32 3.60 -3.60 -7.91
CA TRP B 32 2.40 -3.94 -7.12
C TRP B 32 2.67 -5.26 -6.40
N GLN B 33 2.30 -5.29 -5.12
CA GLN B 33 2.34 -6.55 -4.36
C GLN B 33 1.03 -6.70 -3.57
N GLY B 34 0.27 -7.73 -3.92
CA GLY B 34 -0.95 -8.08 -3.18
C GLY B 34 -0.57 -9.11 -2.14
N THR B 35 -1.10 -8.98 -0.93
CA THR B 35 -0.82 -9.94 0.17
C THR B 35 -2.13 -10.55 0.65
N GLU B 36 -3.25 -10.22 0.01
CA GLU B 36 -4.57 -10.83 0.34
C GLU B 36 -4.81 -12.05 -0.55
N ASP B 37 -5.60 -12.99 -0.06
CA ASP B 37 -5.96 -14.21 -0.82
C ASP B 37 -7.02 -13.82 -1.86
N LEU B 38 -6.59 -13.51 -3.09
CA LEU B 38 -7.51 -13.05 -4.17
C LEU B 38 -8.16 -14.27 -4.83
N SER B 39 -7.88 -15.46 -4.33
CA SER B 39 -8.54 -16.73 -4.76
C SER B 39 -9.91 -16.83 -4.08
N VAL B 40 -10.20 -15.94 -3.13
CA VAL B 40 -11.48 -16.04 -2.37
C VAL B 40 -12.59 -15.59 -3.30
N PRO B 41 -13.61 -16.45 -3.56
CA PRO B 41 -14.69 -16.07 -4.46
C PRO B 41 -15.77 -15.31 -3.69
N GLY B 42 -16.74 -14.73 -4.42
CA GLY B 42 -17.94 -14.14 -3.82
C GLY B 42 -17.67 -12.80 -3.17
N VAL B 43 -16.46 -12.28 -3.32
CA VAL B 43 -16.07 -10.94 -2.78
C VAL B 43 -15.57 -10.13 -3.97
N GLU B 44 -15.96 -8.86 -4.09
CA GLU B 44 -15.37 -8.01 -5.14
C GLU B 44 -14.09 -7.38 -4.58
N HIS B 45 -12.95 -8.03 -4.83
CA HIS B 45 -11.63 -7.52 -4.39
C HIS B 45 -11.34 -6.24 -5.18
N GLU B 46 -10.56 -5.35 -4.57
CA GLU B 46 -10.07 -4.14 -5.27
C GLU B 46 -8.54 -4.24 -5.33
N ALA B 47 -7.96 -3.88 -6.48
CA ALA B 47 -6.50 -3.75 -6.61
C ALA B 47 -6.22 -2.37 -7.18
N ARG B 48 -5.27 -1.67 -6.56
CA ARG B 48 -4.76 -0.36 -7.03
C ARG B 48 -3.36 -0.59 -7.57
N VAL B 49 -3.18 -0.39 -8.87
N VAL B 49 -3.17 -0.36 -8.86
CA VAL B 49 -1.85 -0.59 -9.51
CA VAL B 49 -1.87 -0.62 -9.55
C VAL B 49 -1.39 0.76 -10.05
C VAL B 49 -1.36 0.69 -10.16
N PRO B 50 -0.09 1.06 -9.91
CA PRO B 50 0.47 2.30 -10.47
C PRO B 50 0.28 2.38 -12.00
N LYS B 51 -0.12 3.56 -12.48
CA LYS B 51 -0.48 3.75 -13.92
C LYS B 51 0.72 3.37 -14.79
N LYS B 52 1.93 3.41 -14.24
CA LYS B 52 3.15 3.26 -15.08
C LYS B 52 3.26 1.80 -15.55
N ILE B 53 2.45 0.90 -15.00
CA ILE B 53 2.47 -0.52 -15.47
C ILE B 53 2.10 -0.53 -16.96
N LEU B 54 1.33 0.46 -17.41
CA LEU B 54 0.87 0.51 -18.82
C LEU B 54 2.02 0.84 -19.76
N LYS B 55 3.14 1.33 -19.21
CA LYS B 55 4.31 1.76 -20.00
C LYS B 55 5.43 0.70 -19.95
N CYS B 56 5.23 -0.37 -19.18
CA CYS B 56 6.22 -1.47 -19.08
C CYS B 56 6.20 -2.27 -20.38
N LYS B 57 7.38 -2.56 -20.93
CA LYS B 57 7.49 -3.42 -22.12
C LYS B 57 7.01 -4.84 -21.74
N ALA B 58 7.29 -5.27 -20.51
CA ALA B 58 6.90 -6.61 -20.05
C ALA B 58 6.84 -6.59 -18.52
N VAL B 59 5.98 -7.45 -17.99
CA VAL B 59 5.72 -7.54 -16.52
C VAL B 59 5.96 -8.99 -16.11
N SER B 60 6.81 -9.18 -15.11
CA SER B 60 6.99 -10.49 -14.45
C SER B 60 5.84 -10.64 -13.45
N ARG B 61 4.90 -11.55 -13.73
CA ARG B 61 3.82 -11.86 -12.76
C ARG B 61 4.29 -13.03 -11.91
N GLU B 62 4.22 -12.87 -10.58
CA GLU B 62 4.81 -13.83 -9.63
C GLU B 62 3.73 -14.09 -8.59
N LEU B 63 3.32 -15.35 -8.46
N LEU B 63 3.46 -15.36 -8.32
CA LEU B 63 2.33 -15.83 -7.45
CA LEU B 63 2.34 -15.77 -7.44
C LEU B 63 3.06 -16.77 -6.50
C LEU B 63 2.79 -16.93 -6.56
N ASN B 64 2.64 -16.80 -5.24
CA ASN B 64 3.06 -17.86 -4.29
C ASN B 64 1.78 -18.37 -3.62
N PHE B 65 1.54 -19.67 -3.73
CA PHE B 65 0.28 -20.27 -3.22
C PHE B 65 0.61 -21.52 -2.41
N SER B 66 -0.27 -21.80 -1.46
CA SER B 66 -0.19 -23.03 -0.64
C SER B 66 -1.43 -23.86 -1.00
N SER B 67 -1.28 -25.17 -0.98
CA SER B 67 -2.42 -26.09 -1.21
C SER B 67 -2.27 -27.29 -0.27
N THR B 68 -3.22 -27.47 0.65
CA THR B 68 -3.28 -28.72 1.44
C THR B 68 -3.60 -29.87 0.50
N GLU B 69 -4.54 -29.70 -0.43
CA GLU B 69 -4.96 -30.82 -1.31
C GLU B 69 -3.99 -30.94 -2.49
N GLN B 70 -3.76 -32.17 -2.94
CA GLN B 70 -3.03 -32.45 -4.20
C GLN B 70 -3.88 -31.92 -5.37
N MET B 71 -3.23 -31.38 -6.39
CA MET B 71 -3.94 -31.08 -7.66
C MET B 71 -3.18 -31.74 -8.80
N GLU B 72 -3.90 -32.36 -9.72
CA GLU B 72 -3.26 -33.13 -10.82
C GLU B 72 -2.76 -32.15 -11.87
N LYS B 73 -3.57 -31.15 -12.20
CA LYS B 73 -3.24 -30.18 -13.28
C LYS B 73 -3.82 -28.82 -12.90
N PHE B 74 -3.16 -28.15 -11.97
CA PHE B 74 -3.56 -26.79 -11.52
C PHE B 74 -3.35 -25.84 -12.70
N ARG B 75 -4.39 -25.08 -13.02
CA ARG B 75 -4.31 -24.05 -14.09
C ARG B 75 -5.25 -22.90 -13.76
N LEU B 76 -5.04 -21.79 -14.45
CA LEU B 76 -5.89 -20.58 -14.31
C LEU B 76 -6.39 -20.19 -15.70
N GLU B 77 -7.61 -19.67 -15.73
CA GLU B 77 -8.11 -18.91 -16.90
C GLU B 77 -8.37 -17.50 -16.38
N GLN B 78 -7.81 -16.50 -17.04
CA GLN B 78 -7.99 -15.12 -16.55
C GLN B 78 -8.57 -14.30 -17.70
N LYS B 79 -9.74 -13.72 -17.45
CA LYS B 79 -10.39 -12.81 -18.42
C LYS B 79 -10.39 -11.39 -17.88
N VAL B 80 -10.10 -10.45 -18.76
CA VAL B 80 -10.06 -9.01 -18.38
C VAL B 80 -11.26 -8.37 -19.07
N TYR B 81 -12.17 -7.85 -18.24
CA TYR B 81 -13.43 -7.26 -18.71
C TYR B 81 -13.37 -5.75 -18.54
N PHE B 82 -13.56 -5.05 -19.66
CA PHE B 82 -13.73 -3.58 -19.66
C PHE B 82 -15.23 -3.32 -19.84
N LYS B 83 -15.85 -2.71 -18.83
CA LYS B 83 -17.29 -2.38 -18.84
C LYS B 83 -18.07 -3.62 -19.30
N GLY B 84 -17.69 -4.79 -18.78
CA GLY B 84 -18.40 -6.05 -19.02
C GLY B 84 -18.07 -6.68 -20.37
N GLN B 85 -17.19 -6.05 -21.15
CA GLN B 85 -16.76 -6.63 -22.45
C GLN B 85 -15.34 -7.20 -22.33
N CYS B 86 -15.15 -8.42 -22.82
CA CYS B 86 -13.85 -9.13 -22.68
C CYS B 86 -12.81 -8.44 -23.54
N LEU B 87 -11.76 -7.93 -22.88
N LEU B 87 -11.77 -7.88 -22.91
CA LEU B 87 -10.60 -7.18 -23.43
CA LEU B 87 -10.64 -7.25 -23.63
C LEU B 87 -9.51 -8.17 -23.87
C LEU B 87 -9.64 -8.34 -24.02
N GLU B 88 -9.30 -9.22 -23.07
CA GLU B 88 -8.27 -10.26 -23.33
C GLU B 88 -8.51 -11.43 -22.39
N GLU B 89 -8.03 -12.59 -22.82
CA GLU B 89 -8.19 -13.85 -22.06
C GLU B 89 -6.83 -14.53 -22.03
N TRP B 90 -6.50 -15.09 -20.88
CA TRP B 90 -5.19 -15.74 -20.65
C TRP B 90 -5.42 -17.12 -20.06
N PHE B 91 -4.58 -18.05 -20.48
CA PHE B 91 -4.53 -19.43 -19.95
C PHE B 91 -3.13 -19.67 -19.39
N PHE B 92 -3.06 -20.06 -18.13
CA PHE B 92 -1.76 -20.36 -17.47
C PHE B 92 -1.85 -21.75 -16.86
N GLU B 93 -0.87 -22.61 -17.16
CA GLU B 93 -0.88 -23.97 -16.57
C GLU B 93 0.29 -24.09 -15.59
N PHE B 94 0.00 -24.53 -14.36
CA PHE B 94 1.04 -24.80 -13.34
C PHE B 94 1.43 -26.28 -13.42
N GLY B 95 0.42 -27.16 -13.43
CA GLY B 95 0.64 -28.62 -13.48
C GLY B 95 0.40 -29.24 -12.12
N PHE B 96 1.17 -30.29 -11.81
CA PHE B 96 0.97 -31.10 -10.59
C PHE B 96 1.33 -30.27 -9.35
N VAL B 97 0.51 -30.38 -8.31
CA VAL B 97 0.74 -29.69 -7.01
C VAL B 97 0.83 -30.77 -5.93
N ILE B 98 1.99 -30.85 -5.28
CA ILE B 98 2.20 -31.86 -4.20
C ILE B 98 1.30 -31.46 -3.05
N PRO B 99 0.63 -32.41 -2.36
CA PRO B 99 -0.21 -32.06 -1.23
C PRO B 99 0.62 -31.31 -0.17
N ASN B 100 -0.02 -30.34 0.47
CA ASN B 100 0.57 -29.54 1.58
C ASN B 100 1.88 -28.94 1.09
N SER B 101 1.87 -28.39 -0.12
CA SER B 101 3.07 -27.72 -0.69
C SER B 101 2.82 -26.22 -0.72
N THR B 102 3.93 -25.49 -0.76
CA THR B 102 3.95 -24.04 -1.06
C THR B 102 4.77 -23.86 -2.34
N ASN B 103 4.28 -23.03 -3.26
CA ASN B 103 4.72 -23.05 -4.67
C ASN B 103 4.85 -21.61 -5.19
N THR B 104 5.96 -21.31 -5.86
CA THR B 104 6.09 -20.02 -6.58
C THR B 104 5.86 -20.27 -8.07
N TRP B 105 5.07 -19.40 -8.68
CA TRP B 105 4.66 -19.52 -10.10
C TRP B 105 4.90 -18.17 -10.77
N GLN B 106 5.75 -18.16 -11.80
CA GLN B 106 6.12 -16.89 -12.46
C GLN B 106 5.77 -17.03 -13.94
N SER B 107 5.31 -15.93 -14.53
N SER B 107 5.26 -15.94 -14.51
CA SER B 107 4.97 -15.84 -15.97
CA SER B 107 4.99 -15.85 -15.97
C SER B 107 5.30 -14.43 -16.49
C SER B 107 5.39 -14.44 -16.43
N LEU B 108 6.04 -14.34 -17.59
CA LEU B 108 6.42 -13.03 -18.16
C LEU B 108 5.35 -12.63 -19.19
N ILE B 109 4.71 -11.48 -18.97
CA ILE B 109 3.64 -10.99 -19.86
C ILE B 109 4.14 -9.74 -20.59
N GLU B 110 4.19 -9.80 -21.92
CA GLU B 110 4.66 -8.65 -22.73
C GLU B 110 3.47 -7.75 -23.04
N ALA B 111 3.72 -6.44 -23.05
CA ALA B 111 2.69 -5.44 -23.42
C ALA B 111 2.53 -5.44 -24.93
N ALA B 112 1.29 -5.23 -25.38
CA ALA B 112 0.95 -4.86 -26.77
C ALA B 112 1.71 -3.59 -27.15
N PRO B 113 1.84 -3.32 -28.46
CA PRO B 113 2.46 -2.07 -28.92
C PRO B 113 1.73 -0.90 -28.23
N GLU B 114 2.46 0.19 -28.06
CA GLU B 114 1.99 1.36 -27.29
C GLU B 114 0.66 1.86 -27.86
N SER B 115 0.52 1.88 -29.18
CA SER B 115 -0.70 2.41 -29.87
C SER B 115 -1.92 1.55 -29.56
N GLN B 116 -1.71 0.31 -29.09
CA GLN B 116 -2.83 -0.62 -28.76
C GLN B 116 -3.15 -0.56 -27.27
N MET B 117 -2.28 0.04 -26.46
CA MET B 117 -2.49 0.00 -24.98
C MET B 117 -3.66 0.92 -24.65
N MET B 118 -4.54 0.42 -23.78
CA MET B 118 -5.69 1.21 -23.30
C MET B 118 -5.18 2.30 -22.35
N PRO B 119 -5.74 3.52 -22.46
CA PRO B 119 -5.39 4.59 -21.54
C PRO B 119 -5.97 4.39 -20.14
N ALA B 120 -5.20 4.82 -19.13
CA ALA B 120 -5.47 4.56 -17.70
C ALA B 120 -6.79 5.24 -17.31
N SER B 121 -7.06 6.41 -17.90
CA SER B 121 -8.23 7.26 -17.54
C SER B 121 -9.50 6.53 -17.99
N VAL B 122 -9.40 5.75 -19.06
CA VAL B 122 -10.54 4.97 -19.62
C VAL B 122 -10.69 3.69 -18.79
N LEU B 123 -9.55 3.06 -18.44
CA LEU B 123 -9.51 1.75 -17.75
C LEU B 123 -9.97 1.86 -16.30
N THR B 124 -9.47 2.87 -15.58
CA THR B 124 -9.45 2.85 -14.10
C THR B 124 -10.88 2.69 -13.58
N GLY B 125 -11.10 1.67 -12.75
CA GLY B 125 -12.39 1.43 -12.09
C GLY B 125 -13.38 0.70 -12.99
N ASN B 126 -13.07 0.52 -14.27
CA ASN B 126 -14.02 -0.12 -15.24
C ASN B 126 -13.48 -1.48 -15.70
N VAL B 127 -12.42 -1.94 -15.04
CA VAL B 127 -11.80 -3.26 -15.38
C VAL B 127 -12.13 -4.24 -14.25
N ILE B 128 -12.72 -5.37 -14.63
CA ILE B 128 -12.88 -6.55 -13.74
C ILE B 128 -11.93 -7.62 -14.25
N ILE B 129 -11.08 -8.14 -13.38
N ILE B 129 -11.10 -8.15 -13.36
CA ILE B 129 -10.31 -9.37 -13.71
CA ILE B 129 -10.29 -9.36 -13.64
C ILE B 129 -11.01 -10.56 -13.06
C ILE B 129 -11.01 -10.57 -13.04
N GLU B 130 -11.44 -11.49 -13.90
CA GLU B 130 -12.12 -12.74 -13.46
C GLU B 130 -11.11 -13.88 -13.64
N THR B 131 -10.64 -14.43 -12.53
CA THR B 131 -9.68 -15.56 -12.56
C THR B 131 -10.39 -16.83 -12.10
N LYS B 132 -10.44 -17.82 -12.99
CA LYS B 132 -10.99 -19.16 -12.66
C LYS B 132 -9.81 -20.08 -12.33
N PHE B 133 -9.90 -20.73 -11.17
CA PHE B 133 -8.89 -21.69 -10.66
C PHE B 133 -9.43 -23.09 -10.91
N PHE B 134 -8.67 -23.90 -11.65
CA PHE B 134 -9.10 -25.26 -12.03
C PHE B 134 -8.06 -26.29 -11.58
N ASP B 135 -8.52 -27.46 -11.18
CA ASP B 135 -7.68 -28.69 -11.29
C ASP B 135 -8.18 -29.47 -12.49
N ASP B 136 -7.45 -29.41 -13.60
CA ASP B 136 -7.85 -30.04 -14.88
C ASP B 136 -9.18 -29.39 -15.29
N ASP B 137 -10.25 -30.19 -15.28
N ASP B 137 -10.28 -30.15 -15.29
CA ASP B 137 -11.61 -29.77 -15.73
CA ASP B 137 -11.57 -29.57 -15.74
C ASP B 137 -12.42 -29.21 -14.55
C ASP B 137 -12.46 -29.28 -14.53
N LEU B 138 -11.93 -29.42 -13.32
CA LEU B 138 -12.71 -29.12 -12.09
C LEU B 138 -12.52 -27.66 -11.69
N LEU B 139 -13.57 -26.85 -11.81
CA LEU B 139 -13.53 -25.44 -11.38
C LEU B 139 -13.54 -25.40 -9.85
N VAL B 140 -12.51 -24.79 -9.25
CA VAL B 140 -12.30 -24.78 -7.79
C VAL B 140 -12.83 -23.45 -7.24
N SER B 141 -12.59 -22.34 -7.93
N SER B 141 -12.56 -22.35 -7.94
CA SER B 141 -13.10 -21.02 -7.50
CA SER B 141 -12.89 -20.96 -7.51
C SER B 141 -12.94 -20.00 -8.64
C SER B 141 -13.01 -20.04 -8.73
N THR B 142 -13.80 -18.97 -8.58
CA THR B 142 -13.79 -17.83 -9.53
C THR B 142 -13.57 -16.57 -8.68
N SER B 143 -12.45 -15.89 -8.94
CA SER B 143 -12.02 -14.64 -8.27
C SER B 143 -12.43 -13.46 -9.14
N ARG B 144 -12.94 -12.40 -8.51
CA ARG B 144 -13.30 -11.15 -9.21
C ARG B 144 -12.52 -10.01 -8.57
N VAL B 145 -11.74 -9.29 -9.38
CA VAL B 145 -10.91 -8.15 -8.89
C VAL B 145 -11.22 -6.92 -9.72
N ARG B 146 -11.60 -5.83 -9.05
CA ARG B 146 -11.81 -4.52 -9.71
C ARG B 146 -10.50 -3.74 -9.67
N LEU B 147 -10.02 -3.33 -10.85
CA LEU B 147 -8.69 -2.73 -11.00
C LEU B 147 -8.81 -1.21 -11.11
N PHE B 148 -8.04 -0.52 -10.28
CA PHE B 148 -7.87 0.95 -10.37
C PHE B 148 -6.41 1.23 -10.74
N TYR B 149 -6.19 2.25 -11.56
CA TYR B 149 -4.83 2.71 -11.88
C TYR B 149 -4.56 4.01 -11.12
N VAL B 150 -3.48 4.04 -10.35
CA VAL B 150 -3.22 5.17 -9.42
C VAL B 150 -1.91 5.87 -9.79
N LYS C 8 2.92 -15.63 -27.43
CA LYS C 8 2.58 -14.73 -28.56
C LYS C 8 1.49 -13.74 -28.15
N SER C 9 0.72 -14.03 -27.10
CA SER C 9 -0.34 -13.13 -26.61
C SER C 9 0.30 -11.94 -25.89
N LYS C 10 -0.31 -10.76 -26.02
CA LYS C 10 0.24 -9.51 -25.42
C LYS C 10 -0.87 -8.86 -24.60
N THR C 11 -0.51 -8.14 -23.53
CA THR C 11 -1.54 -7.50 -22.68
C THR C 11 -1.78 -6.08 -23.16
N LYS C 12 -3.04 -5.64 -23.08
CA LYS C 12 -3.41 -4.23 -23.39
C LYS C 12 -3.68 -3.49 -22.07
N SER D 9 -8.48 25.04 8.81
CA SER D 9 -7.77 24.42 9.97
C SER D 9 -6.35 24.99 10.06
N LYS D 10 -6.08 25.78 11.10
CA LYS D 10 -4.77 26.46 11.32
C LYS D 10 -4.17 25.93 12.63
N THR D 11 -2.84 25.97 12.76
CA THR D 11 -2.11 25.47 13.96
C THR D 11 -1.81 26.61 14.94
N LYS D 12 -1.72 26.26 16.22
CA LYS D 12 -1.52 27.19 17.36
C LYS D 12 -0.13 26.95 17.98
#